data_3T9C
#
_entry.id   3T9C
#
_cell.length_a   89.037
_cell.length_b   110.489
_cell.length_c   41.339
_cell.angle_alpha   90.00
_cell.angle_beta   90.00
_cell.angle_gamma   90.00
#
_symmetry.space_group_name_H-M   'P 21 21 21'
#
loop_
_entity.id
_entity.type
_entity.pdbx_description
1 polymer 'Inositol Pyrophosphate Kinase'
2 non-polymer 'PHOSPHOAMINOPHOSPHONIC ACID-ADENYLATE ESTER'
3 non-polymer 'INOSITOL HEXAKISPHOSPHATE'
4 non-polymer 'MAGNESIUM ION'
5 water water
#
_entity_poly.entity_id   1
_entity_poly.type   'polypeptide(L)'
_entity_poly.pdbx_seq_one_letter_code
;GSFTERQIVVGICSMAKKSKSKPMKEILERISLFKYITVVVFEEEVILNEPVENWPLCDCLISFHSKGFPLDKAVAYAKL
RNPFVINDLNMQYLIQDRREVYSILQAEGILLPRYAILNRDPNNPKECNLIEGEDHVEVNGEVFQKPFVEKPVSAEDHNV
YIYYPTSAGGGSQRLFRKIGSRSSVYSPESNVRKTGSYIYEEFMPTDGTDVKVYTVGPDYAHAEARKSPALDGKVERDSE
GKEVRYPVILNAREKLIAWKVCLAFKQTVCGFDLLRANGQSYVCDVNGFSFVKNSMKYYDDCAKILGNIVMRELAPQFHI
PWSIPLEAED
;
_entity_poly.pdbx_strand_id   A
#
# COMPACT_ATOMS: atom_id res chain seq x y z
N ARG A 6 25.32 25.59 3.99
CA ARG A 6 24.65 24.68 3.00
C ARG A 6 23.84 23.57 3.68
N GLN A 7 22.54 23.65 3.46
CA GLN A 7 21.59 22.67 3.98
C GLN A 7 21.54 21.42 3.13
N ILE A 8 21.21 20.30 3.76
CA ILE A 8 20.82 19.10 3.04
C ILE A 8 19.42 19.32 2.50
N VAL A 9 19.21 19.11 1.21
CA VAL A 9 17.90 19.37 0.59
C VAL A 9 17.14 18.05 0.43
N VAL A 10 15.93 18.00 1.01
CA VAL A 10 15.05 16.86 0.85
C VAL A 10 13.94 17.27 -0.13
N GLY A 11 13.91 16.62 -1.29
CA GLY A 11 12.94 16.93 -2.34
C GLY A 11 11.75 15.99 -2.21
N ILE A 12 10.55 16.55 -2.35
CA ILE A 12 9.31 15.79 -2.31
C ILE A 12 8.73 15.84 -3.71
N CYS A 13 8.58 14.67 -4.31
CA CYS A 13 8.14 14.55 -5.70
C CYS A 13 6.96 13.60 -5.83
N SER A 14 5.74 14.17 -5.86
CA SER A 14 4.52 13.38 -6.02
C SER A 14 3.42 14.29 -6.54
N MET A 15 2.29 13.69 -6.90
CA MET A 15 1.14 14.48 -7.33
C MET A 15 0.70 15.41 -6.20
N ALA A 16 0.19 16.58 -6.59
CA ALA A 16 -0.26 17.61 -5.66
C ALA A 16 -1.25 17.09 -4.61
N LYS A 17 -2.14 16.19 -5.04
CA LYS A 17 -3.12 15.55 -4.13
C LYS A 17 -2.42 14.90 -2.93
N LYS A 18 -1.22 14.41 -3.16
CA LYS A 18 -0.45 13.77 -2.10
C LYS A 18 0.47 14.79 -1.40
N SER A 19 1.13 15.64 -2.19
N SER A 19 1.13 15.63 -2.18
CA SER A 19 2.12 16.58 -1.66
CA SER A 19 2.13 16.56 -1.64
C SER A 19 1.49 17.65 -0.79
C SER A 19 1.50 17.70 -0.85
N LYS A 20 0.21 17.95 -1.04
CA LYS A 20 -0.52 18.96 -0.26
C LYS A 20 -1.56 18.33 0.67
N SER A 21 -1.52 17.01 0.85
CA SER A 21 -2.43 16.34 1.77
C SER A 21 -2.13 16.81 3.19
N LYS A 22 -3.12 16.75 4.07
CA LYS A 22 -2.88 17.12 5.46
C LYS A 22 -1.73 16.33 6.12
N PRO A 23 -1.70 14.98 5.98
CA PRO A 23 -0.59 14.26 6.60
C PRO A 23 0.77 14.68 6.04
N MET A 24 0.84 14.92 4.73
CA MET A 24 2.09 15.39 4.17
C MET A 24 2.52 16.74 4.76
N LYS A 25 1.61 17.71 4.81
CA LYS A 25 1.94 19.03 5.37
C LYS A 25 2.38 18.94 6.84
N GLU A 26 1.70 18.09 7.60
CA GLU A 26 2.06 17.85 9.00
C GLU A 26 3.48 17.29 9.15
N ILE A 27 3.83 16.31 8.32
CA ILE A 27 5.16 15.70 8.43
C ILE A 27 6.29 16.64 7.92
N LEU A 28 6.05 17.31 6.80
CA LEU A 28 7.05 18.18 6.21
C LEU A 28 7.38 19.37 7.11
N GLU A 29 6.37 19.94 7.78
CA GLU A 29 6.66 21.04 8.71
C GLU A 29 7.57 20.57 9.84
N ARG A 30 7.41 19.30 10.24
CA ARG A 30 8.25 18.71 11.29
C ARG A 30 9.65 18.35 10.80
N ILE A 31 9.74 17.82 9.58
CA ILE A 31 11.07 17.54 9.01
C ILE A 31 11.86 18.86 8.87
N SER A 32 11.17 19.95 8.49
CA SER A 32 11.81 21.26 8.37
C SER A 32 12.43 21.78 9.69
N LEU A 33 11.99 21.22 10.82
CA LEU A 33 12.54 21.58 12.12
C LEU A 33 13.97 21.10 12.32
N PHE A 34 14.42 20.14 11.51
CA PHE A 34 15.81 19.70 11.51
C PHE A 34 16.67 20.87 11.06
N LYS A 35 17.65 21.24 11.90
CA LYS A 35 18.44 22.44 11.67
C LYS A 35 19.15 22.45 10.30
N TYR A 36 19.63 21.29 9.87
CA TYR A 36 20.42 21.22 8.61
C TYR A 36 19.65 20.72 7.39
N ILE A 37 18.32 20.65 7.51
CA ILE A 37 17.49 20.14 6.42
C ILE A 37 16.56 21.23 5.89
N THR A 38 16.54 21.37 4.56
CA THR A 38 15.53 22.20 3.88
C THR A 38 14.68 21.32 3.01
N VAL A 39 13.36 21.50 3.08
CA VAL A 39 12.41 20.73 2.28
C VAL A 39 12.02 21.53 1.05
N VAL A 40 12.03 20.88 -0.11
CA VAL A 40 11.59 21.48 -1.35
C VAL A 40 10.52 20.55 -1.94
N VAL A 41 9.30 21.06 -2.08
CA VAL A 41 8.20 20.27 -2.64
C VAL A 41 8.09 20.60 -4.13
N PHE A 42 8.28 19.61 -5.00
CA PHE A 42 8.26 19.83 -6.46
C PHE A 42 6.83 20.12 -6.88
N GLU A 43 6.63 21.19 -7.63
CA GLU A 43 5.29 21.57 -8.09
C GLU A 43 4.76 20.56 -9.08
N GLU A 44 3.48 20.24 -9.01
CA GLU A 44 2.91 19.25 -9.93
C GLU A 44 3.07 19.67 -11.39
N GLU A 45 2.91 20.96 -11.66
CA GLU A 45 3.02 21.45 -13.06
C GLU A 45 4.44 21.16 -13.58
N VAL A 46 5.45 21.34 -12.71
CA VAL A 46 6.85 21.02 -13.05
C VAL A 46 7.03 19.54 -13.30
N ILE A 47 6.54 18.72 -12.39
CA ILE A 47 6.61 17.26 -12.53
C ILE A 47 6.01 16.78 -13.86
N LEU A 48 4.82 17.29 -14.18
CA LEU A 48 4.10 16.85 -15.40
C LEU A 48 4.65 17.46 -16.69
N ASN A 49 4.95 18.76 -16.65
CA ASN A 49 5.26 19.53 -17.87
C ASN A 49 6.74 19.89 -18.13
N GLU A 50 7.58 19.89 -17.09
CA GLU A 50 8.99 20.27 -17.29
C GLU A 50 9.85 19.03 -17.43
N PRO A 51 10.87 19.09 -18.32
CA PRO A 51 11.79 17.96 -18.41
C PRO A 51 12.56 17.81 -17.11
N VAL A 52 12.99 16.59 -16.81
CA VAL A 52 13.63 16.32 -15.52
C VAL A 52 14.90 17.18 -15.32
N GLU A 53 15.52 17.59 -16.42
CA GLU A 53 16.70 18.47 -16.34
C GLU A 53 16.40 19.84 -15.70
N ASN A 54 15.12 20.25 -15.71
CA ASN A 54 14.74 21.50 -15.03
C ASN A 54 14.15 21.35 -13.62
N TRP A 55 13.98 20.11 -13.16
CA TRP A 55 13.43 19.87 -11.82
C TRP A 55 14.41 20.36 -10.76
N PRO A 56 13.91 20.77 -9.56
CA PRO A 56 14.84 21.24 -8.53
C PRO A 56 15.84 20.17 -8.11
N LEU A 57 17.01 20.60 -7.65
CA LEU A 57 17.99 19.69 -7.09
C LEU A 57 17.56 19.25 -5.68
N CYS A 58 17.97 18.04 -5.31
CA CYS A 58 17.90 17.61 -3.92
C CYS A 58 19.00 16.59 -3.65
N ASP A 59 19.32 16.41 -2.37
CA ASP A 59 20.29 15.43 -1.92
C ASP A 59 19.61 14.12 -1.52
N CYS A 60 18.37 14.23 -1.07
CA CYS A 60 17.53 13.10 -0.70
C CYS A 60 16.17 13.26 -1.39
N LEU A 61 15.71 12.20 -2.06
CA LEU A 61 14.46 12.26 -2.78
C LEU A 61 13.37 11.36 -2.16
N ILE A 62 12.24 11.96 -1.86
CA ILE A 62 11.08 11.21 -1.35
C ILE A 62 10.08 11.35 -2.46
N SER A 63 9.81 10.26 -3.16
CA SER A 63 9.02 10.34 -4.38
C SER A 63 8.25 9.05 -4.51
N PHE A 64 7.01 9.14 -4.94
CA PHE A 64 6.18 7.96 -5.01
C PHE A 64 5.03 8.11 -5.99
N HIS A 65 4.69 6.99 -6.62
CA HIS A 65 3.68 6.94 -7.64
C HIS A 65 2.29 6.91 -6.99
N SER A 66 1.38 7.63 -7.63
CA SER A 66 -0.06 7.46 -7.45
C SER A 66 -0.69 7.77 -8.80
N LYS A 67 -2.01 7.71 -8.89
CA LYS A 67 -2.70 7.88 -10.16
C LYS A 67 -2.26 9.14 -10.90
N GLY A 68 -1.78 8.97 -12.12
CA GLY A 68 -1.38 10.12 -12.96
C GLY A 68 0.08 10.54 -12.81
N PHE A 69 0.81 9.93 -11.89
CA PHE A 69 2.21 10.28 -11.65
C PHE A 69 3.11 9.71 -12.75
N PRO A 70 3.96 10.56 -13.36
CA PRO A 70 4.88 10.06 -14.39
C PRO A 70 6.11 9.37 -13.78
N LEU A 71 5.97 8.09 -13.44
CA LEU A 71 7.04 7.37 -12.76
C LEU A 71 8.33 7.31 -13.61
N ASP A 72 8.17 7.18 -14.93
CA ASP A 72 9.33 7.18 -15.84
C ASP A 72 10.21 8.41 -15.60
N LYS A 73 9.56 9.58 -15.48
CA LYS A 73 10.28 10.84 -15.23
C LYS A 73 11.00 10.85 -13.86
N ALA A 74 10.31 10.42 -12.81
CA ALA A 74 10.93 10.28 -11.49
C ALA A 74 12.18 9.40 -11.53
N VAL A 75 12.08 8.27 -12.22
CA VAL A 75 13.21 7.36 -12.41
C VAL A 75 14.37 8.05 -13.15
N ALA A 76 14.05 8.76 -14.23
CA ALA A 76 15.06 9.47 -15.03
C ALA A 76 15.73 10.59 -14.23
N TYR A 77 14.91 11.32 -13.45
CA TYR A 77 15.44 12.33 -12.54
C TYR A 77 16.44 11.72 -11.53
N ALA A 78 16.05 10.64 -10.86
CA ALA A 78 16.94 10.01 -9.88
C ALA A 78 18.24 9.52 -10.56
N LYS A 79 18.13 8.99 -11.78
CA LYS A 79 19.32 8.55 -12.50
C LYS A 79 20.23 9.74 -12.82
N LEU A 80 19.62 10.83 -13.24
CA LEU A 80 20.35 12.06 -13.56
C LEU A 80 21.09 12.67 -12.35
N ARG A 81 20.38 12.81 -11.24
CA ARG A 81 20.91 13.56 -10.09
C ARG A 81 21.53 12.66 -9.02
N ASN A 82 21.19 11.37 -9.05
CA ASN A 82 21.67 10.38 -8.05
C ASN A 82 21.46 10.81 -6.58
N PRO A 83 20.24 11.24 -6.21
CA PRO A 83 20.02 11.56 -4.80
C PRO A 83 19.93 10.29 -3.98
N PHE A 84 19.96 10.42 -2.65
CA PHE A 84 19.66 9.31 -1.75
C PHE A 84 18.14 9.11 -1.82
N VAL A 85 17.70 7.93 -2.23
CA VAL A 85 16.28 7.67 -2.45
C VAL A 85 15.65 6.89 -1.29
N ILE A 86 14.63 7.47 -0.66
CA ILE A 86 13.95 6.91 0.53
C ILE A 86 13.04 5.72 0.16
N ASN A 87 12.24 5.90 -0.87
CA ASN A 87 11.39 4.86 -1.43
C ASN A 87 11.84 4.60 -2.85
N ASP A 88 12.38 3.40 -3.07
CA ASP A 88 12.94 3.02 -4.37
C ASP A 88 11.89 3.17 -5.48
N LEU A 89 12.28 3.81 -6.58
CA LEU A 89 11.35 4.09 -7.65
C LEU A 89 11.07 2.93 -8.60
N ASN A 90 12.07 2.14 -8.94
CA ASN A 90 11.83 1.01 -9.85
C ASN A 90 10.86 -0.02 -9.24
N MET A 91 10.94 -0.23 -7.93
N MET A 91 10.94 -0.22 -7.92
CA MET A 91 10.01 -1.15 -7.24
CA MET A 91 10.03 -1.13 -7.23
C MET A 91 8.56 -0.69 -7.35
C MET A 91 8.57 -0.69 -7.37
N GLN A 92 8.35 0.62 -7.53
CA GLN A 92 7.01 1.17 -7.68
C GLN A 92 6.28 0.76 -8.96
N TYR A 93 7.02 0.31 -9.98
CA TYR A 93 6.40 -0.37 -11.13
C TYR A 93 5.78 -1.70 -10.69
N LEU A 94 6.52 -2.43 -9.89
CA LEU A 94 6.11 -3.78 -9.46
C LEU A 94 4.96 -3.71 -8.48
N ILE A 95 4.96 -2.67 -7.65
CA ILE A 95 3.89 -2.46 -6.67
C ILE A 95 2.51 -2.28 -7.33
N GLN A 96 2.50 -1.83 -8.59
CA GLN A 96 1.26 -1.59 -9.33
C GLN A 96 0.62 -2.89 -9.85
N ASP A 97 1.35 -3.99 -9.73
CA ASP A 97 0.92 -5.26 -10.28
C ASP A 97 0.84 -6.27 -9.14
N ARG A 98 -0.39 -6.69 -8.80
CA ARG A 98 -0.61 -7.59 -7.65
CA ARG A 98 -0.62 -7.59 -7.67
C ARG A 98 0.13 -8.92 -7.81
N ARG A 99 0.32 -9.37 -9.04
CA ARG A 99 1.09 -10.62 -9.26
C ARG A 99 2.55 -10.48 -8.82
N GLU A 100 3.15 -9.33 -9.11
CA GLU A 100 4.53 -9.07 -8.73
C GLU A 100 4.65 -8.91 -7.22
N VAL A 101 3.64 -8.26 -6.62
CA VAL A 101 3.58 -8.09 -5.17
C VAL A 101 3.54 -9.42 -4.45
N TYR A 102 2.63 -10.31 -4.86
CA TYR A 102 2.55 -11.63 -4.21
C TYR A 102 3.79 -12.47 -4.44
N SER A 103 4.38 -12.35 -5.63
CA SER A 103 5.65 -13.04 -5.94
C SER A 103 6.76 -12.65 -4.97
N ILE A 104 6.86 -11.35 -4.65
CA ILE A 104 7.87 -10.89 -3.70
C ILE A 104 7.58 -11.43 -2.29
N LEU A 105 6.32 -11.34 -1.86
CA LEU A 105 5.93 -11.84 -0.55
C LEU A 105 6.30 -13.32 -0.37
N GLN A 106 5.98 -14.15 -1.37
CA GLN A 106 6.33 -15.58 -1.33
C GLN A 106 7.84 -15.77 -1.22
N ALA A 107 8.61 -15.04 -2.02
CA ALA A 107 10.08 -15.15 -2.00
C ALA A 107 10.68 -14.80 -0.64
N GLU A 108 9.96 -14.00 0.15
CA GLU A 108 10.40 -13.58 1.48
C GLU A 108 9.86 -14.45 2.61
N GLY A 109 9.20 -15.53 2.24
CA GLY A 109 8.63 -16.44 3.25
C GLY A 109 7.55 -15.77 4.07
N ILE A 110 6.77 -14.88 3.44
CA ILE A 110 5.69 -14.17 4.13
C ILE A 110 4.36 -14.86 3.87
N LEU A 111 3.62 -15.16 4.94
CA LEU A 111 2.34 -15.84 4.82
C LEU A 111 1.36 -14.95 4.05
N LEU A 112 0.69 -15.56 3.09
CA LEU A 112 -0.35 -14.85 2.34
C LEU A 112 -1.44 -15.83 1.93
N PRO A 113 -2.62 -15.32 1.51
CA PRO A 113 -3.67 -16.26 1.14
C PRO A 113 -3.22 -17.18 0.00
N ARG A 114 -3.60 -18.46 0.06
CA ARG A 114 -3.44 -19.33 -1.11
C ARG A 114 -4.07 -18.65 -2.32
N TYR A 115 -3.32 -18.56 -3.41
CA TYR A 115 -3.83 -17.85 -4.60
C TYR A 115 -3.41 -18.49 -5.91
N ALA A 116 -4.09 -18.10 -6.99
CA ALA A 116 -3.72 -18.48 -8.35
C ALA A 116 -4.03 -17.32 -9.32
N ILE A 117 -3.17 -17.15 -10.32
CA ILE A 117 -3.30 -16.08 -11.29
C ILE A 117 -4.04 -16.58 -12.52
N LEU A 118 -5.11 -15.88 -12.90
CA LEU A 118 -5.77 -16.13 -14.17
C LEU A 118 -5.42 -15.02 -15.18
N ASN A 119 -4.49 -15.34 -16.09
CA ASN A 119 -4.10 -14.39 -17.13
C ASN A 119 -4.98 -14.60 -18.36
N ARG A 120 -5.70 -13.57 -18.78
CA ARG A 120 -6.66 -13.70 -19.86
C ARG A 120 -6.22 -12.88 -21.09
N ASP A 121 -6.25 -13.52 -22.25
CA ASP A 121 -5.95 -12.85 -23.53
C ASP A 121 -7.16 -12.03 -23.93
N PRO A 122 -7.04 -10.68 -23.96
CA PRO A 122 -8.22 -9.85 -24.26
C PRO A 122 -8.87 -10.15 -25.62
N ASN A 123 -8.10 -10.67 -26.57
CA ASN A 123 -8.63 -11.08 -27.88
C ASN A 123 -9.17 -12.52 -27.92
N ASN A 124 -8.96 -13.26 -26.83
CA ASN A 124 -9.34 -14.67 -26.74
C ASN A 124 -9.80 -15.01 -25.32
N PRO A 125 -10.79 -14.26 -24.78
CA PRO A 125 -11.11 -14.30 -23.34
C PRO A 125 -11.53 -15.68 -22.83
N LYS A 126 -12.10 -16.50 -23.70
CA LYS A 126 -12.58 -17.83 -23.33
C LYS A 126 -11.49 -18.91 -23.27
N GLU A 127 -10.32 -18.60 -23.81
CA GLU A 127 -9.20 -19.56 -23.94
C GLU A 127 -8.38 -19.76 -22.66
N CYS A 128 -8.68 -18.98 -21.62
CA CYS A 128 -7.89 -19.00 -20.39
C CYS A 128 -8.17 -20.24 -19.54
N ASN A 129 -7.34 -20.47 -18.53
CA ASN A 129 -7.42 -21.67 -17.70
C ASN A 129 -8.42 -21.56 -16.55
N LEU A 130 -9.69 -21.34 -16.87
CA LEU A 130 -10.74 -21.23 -15.84
C LEU A 130 -11.87 -22.23 -16.09
N ILE A 131 -12.23 -22.98 -15.06
CA ILE A 131 -13.46 -23.78 -15.02
C ILE A 131 -14.30 -23.24 -13.87
N GLU A 132 -15.60 -23.03 -14.12
CA GLU A 132 -16.45 -22.50 -13.09
C GLU A 132 -17.59 -23.45 -12.71
N GLY A 133 -17.76 -23.72 -11.42
CA GLY A 133 -18.95 -24.39 -10.90
C GLY A 133 -19.77 -23.36 -10.14
N GLU A 134 -20.98 -23.75 -9.75
CA GLU A 134 -21.85 -22.93 -8.89
C GLU A 134 -21.18 -22.50 -7.55
N ASP A 135 -20.33 -23.36 -6.99
CA ASP A 135 -19.74 -23.09 -5.67
CA ASP A 135 -19.74 -23.09 -5.68
C ASP A 135 -18.21 -23.13 -5.66
N HIS A 136 -17.59 -23.06 -6.84
CA HIS A 136 -16.12 -23.03 -6.89
C HIS A 136 -15.62 -22.59 -8.27
N VAL A 137 -14.36 -22.19 -8.32
CA VAL A 137 -13.65 -22.04 -9.59
C VAL A 137 -12.40 -22.93 -9.59
N GLU A 138 -11.88 -23.20 -10.78
CA GLU A 138 -10.62 -23.90 -10.95
C GLU A 138 -9.77 -23.01 -11.83
N VAL A 139 -8.62 -22.57 -11.31
CA VAL A 139 -7.80 -21.62 -12.02
C VAL A 139 -6.46 -22.32 -12.21
N ASN A 140 -6.09 -22.54 -13.48
CA ASN A 140 -4.89 -23.36 -13.79
C ASN A 140 -4.95 -24.69 -13.03
N GLY A 141 -6.15 -25.22 -12.86
CA GLY A 141 -6.37 -26.51 -12.19
C GLY A 141 -6.54 -26.43 -10.68
N GLU A 142 -6.15 -25.31 -10.07
CA GLU A 142 -6.26 -25.11 -8.63
CA GLU A 142 -6.28 -25.15 -8.64
C GLU A 142 -7.70 -24.81 -8.24
N VAL A 143 -8.24 -25.54 -7.26
CA VAL A 143 -9.62 -25.38 -6.81
C VAL A 143 -9.76 -24.35 -5.67
N PHE A 144 -10.68 -23.42 -5.85
CA PHE A 144 -11.05 -22.46 -4.81
C PHE A 144 -12.54 -22.61 -4.56
N GLN A 145 -12.87 -23.16 -3.39
CA GLN A 145 -14.26 -23.23 -2.95
C GLN A 145 -14.68 -21.87 -2.46
N LYS A 146 -15.96 -21.53 -2.67
CA LYS A 146 -16.51 -20.31 -2.14
C LYS A 146 -16.66 -20.45 -0.63
N PRO A 147 -16.34 -19.39 0.15
CA PRO A 147 -15.99 -18.03 -0.32
C PRO A 147 -14.58 -17.90 -0.88
N PHE A 148 -14.45 -17.13 -1.97
CA PHE A 148 -13.13 -16.76 -2.49
C PHE A 148 -13.13 -15.31 -2.93
N VAL A 149 -11.92 -14.79 -3.19
CA VAL A 149 -11.71 -13.38 -3.49
C VAL A 149 -11.12 -13.26 -4.89
N GLU A 150 -11.59 -12.27 -5.64
CA GLU A 150 -11.18 -12.04 -7.01
C GLU A 150 -10.68 -10.61 -7.14
N LYS A 151 -9.37 -10.46 -7.41
CA LYS A 151 -8.76 -9.14 -7.47
C LYS A 151 -8.22 -8.87 -8.88
N PRO A 152 -8.54 -7.68 -9.45
CA PRO A 152 -7.88 -7.27 -10.69
C PRO A 152 -6.35 -7.32 -10.54
N VAL A 153 -5.65 -7.77 -11.57
CA VAL A 153 -4.19 -7.84 -11.45
C VAL A 153 -3.57 -6.45 -11.26
N SER A 154 -4.30 -5.41 -11.67
CA SER A 154 -3.82 -4.06 -11.43
C SER A 154 -4.10 -3.67 -9.98
N ALA A 155 -3.05 -3.38 -9.21
CA ALA A 155 -3.23 -3.00 -7.80
C ALA A 155 -3.94 -1.66 -7.68
N GLU A 156 -3.95 -0.88 -8.76
CA GLU A 156 -4.64 0.41 -8.75
C GLU A 156 -6.15 0.29 -9.03
N ASP A 157 -6.58 -0.91 -9.41
CA ASP A 157 -8.00 -1.20 -9.63
C ASP A 157 -8.57 -1.84 -8.37
N HIS A 158 -9.41 -1.08 -7.65
CA HIS A 158 -9.93 -1.50 -6.34
C HIS A 158 -11.27 -2.26 -6.40
N ASN A 159 -11.67 -2.65 -7.61
CA ASN A 159 -12.90 -3.44 -7.84
C ASN A 159 -12.65 -4.93 -7.54
N VAL A 160 -12.46 -5.20 -6.24
CA VAL A 160 -12.21 -6.54 -5.69
C VAL A 160 -13.57 -7.13 -5.36
N TYR A 161 -13.81 -8.39 -5.75
CA TYR A 161 -15.10 -9.03 -5.53
C TYR A 161 -14.91 -10.26 -4.65
N ILE A 162 -15.87 -10.48 -3.78
CA ILE A 162 -15.91 -11.67 -2.95
C ILE A 162 -17.13 -12.48 -3.38
N TYR A 163 -16.96 -13.79 -3.52
CA TYR A 163 -18.06 -14.65 -3.95
C TYR A 163 -18.51 -15.56 -2.82
N TYR A 164 -19.79 -15.45 -2.45
CA TYR A 164 -20.37 -16.21 -1.34
C TYR A 164 -20.81 -17.61 -1.77
N PRO A 165 -20.66 -18.60 -0.88
CA PRO A 165 -21.12 -19.95 -1.16
C PRO A 165 -22.65 -20.01 -1.21
N THR A 166 -23.19 -20.98 -1.94
CA THR A 166 -24.62 -21.26 -1.99
C THR A 166 -25.22 -21.38 -0.58
N SER A 167 -24.50 -22.05 0.32
CA SER A 167 -24.96 -22.20 1.71
C SER A 167 -25.19 -20.87 2.43
N ALA A 168 -24.64 -19.78 1.89
CA ALA A 168 -24.84 -18.46 2.48
C ALA A 168 -25.77 -17.56 1.66
N GLY A 169 -26.37 -18.11 0.60
CA GLY A 169 -27.25 -17.34 -0.27
C GLY A 169 -26.62 -16.92 -1.59
N GLY A 170 -25.35 -17.26 -1.79
CA GLY A 170 -24.68 -16.96 -3.05
C GLY A 170 -24.54 -15.46 -3.24
N GLY A 171 -24.41 -15.05 -4.50
CA GLY A 171 -24.17 -13.66 -4.84
C GLY A 171 -22.72 -13.30 -4.56
N SER A 172 -22.46 -12.00 -4.51
CA SER A 172 -21.10 -11.50 -4.39
C SER A 172 -21.08 -10.14 -3.71
N GLN A 173 -19.94 -9.79 -3.13
CA GLN A 173 -19.75 -8.44 -2.61
C GLN A 173 -18.78 -7.75 -3.54
N ARG A 174 -19.15 -6.56 -4.02
CA ARG A 174 -18.28 -5.80 -4.92
C ARG A 174 -17.71 -4.63 -4.15
N LEU A 175 -16.40 -4.64 -3.95
CA LEU A 175 -15.71 -3.56 -3.21
C LEU A 175 -15.25 -2.50 -4.21
N PHE A 176 -15.02 -1.30 -3.70
CA PHE A 176 -14.57 -0.20 -4.55
C PHE A 176 -13.96 0.88 -3.67
N ARG A 177 -13.21 1.79 -4.29
CA ARG A 177 -12.76 2.98 -3.59
C ARG A 177 -13.98 3.65 -2.99
N LYS A 178 -13.87 3.98 -1.70
CA LYS A 178 -14.94 4.58 -0.95
C LYS A 178 -15.64 5.72 -1.72
N ILE A 179 -16.96 5.62 -1.81
CA ILE A 179 -17.81 6.70 -2.33
C ILE A 179 -18.70 7.05 -1.14
N GLY A 180 -18.44 8.20 -0.53
CA GLY A 180 -19.16 8.68 0.66
C GLY A 180 -19.26 7.70 1.81
N SER A 181 -20.45 7.15 2.02
CA SER A 181 -20.70 6.27 3.16
C SER A 181 -20.50 4.77 2.90
N ARG A 182 -20.03 4.40 1.71
N ARG A 182 -19.94 4.42 1.75
CA ARG A 182 -19.94 2.99 1.32
CA ARG A 182 -19.96 3.02 1.28
C ARG A 182 -18.62 2.62 0.67
C ARG A 182 -18.64 2.60 0.61
N SER A 183 -18.19 1.37 0.90
CA SER A 183 -16.98 0.80 0.29
C SER A 183 -17.23 -0.55 -0.36
N SER A 184 -18.45 -1.07 -0.22
CA SER A 184 -18.85 -2.24 -0.99
C SER A 184 -20.37 -2.35 -1.09
N VAL A 185 -20.82 -3.20 -2.01
N VAL A 185 -20.83 -3.23 -1.99
CA VAL A 185 -22.24 -3.49 -2.14
CA VAL A 185 -22.26 -3.45 -2.23
C VAL A 185 -22.45 -4.95 -2.57
C VAL A 185 -22.55 -4.88 -2.71
N TYR A 186 -23.53 -5.53 -2.08
CA TYR A 186 -23.95 -6.88 -2.46
C TYR A 186 -24.48 -6.89 -3.88
N SER A 187 -24.09 -7.91 -4.63
CA SER A 187 -24.72 -8.18 -5.92
C SER A 187 -25.25 -9.61 -5.96
N PRO A 188 -26.45 -9.81 -6.55
CA PRO A 188 -26.96 -11.16 -6.76
C PRO A 188 -26.11 -12.02 -7.69
N GLU A 189 -25.24 -11.40 -8.50
CA GLU A 189 -24.38 -12.12 -9.45
C GLU A 189 -23.50 -13.13 -8.72
N SER A 190 -23.56 -14.40 -9.16
CA SER A 190 -22.80 -15.48 -8.51
C SER A 190 -21.61 -15.94 -9.35
N ASN A 191 -21.62 -15.59 -10.63
CA ASN A 191 -20.57 -16.00 -11.54
C ASN A 191 -19.45 -14.96 -11.63
N VAL A 192 -18.21 -15.44 -11.78
CA VAL A 192 -17.04 -14.58 -11.81
C VAL A 192 -17.02 -13.69 -13.06
N ARG A 193 -16.25 -12.60 -13.02
CA ARG A 193 -16.09 -11.74 -14.18
C ARG A 193 -15.48 -12.47 -15.39
N LYS A 194 -15.93 -12.11 -16.58
CA LYS A 194 -15.52 -12.88 -17.77
C LYS A 194 -14.54 -12.19 -18.70
N THR A 195 -14.18 -10.95 -18.37
CA THR A 195 -13.08 -10.24 -19.02
C THR A 195 -12.14 -9.66 -17.97
N GLY A 196 -10.86 -9.51 -18.34
CA GLY A 196 -9.81 -9.06 -17.42
C GLY A 196 -8.99 -10.21 -16.86
N SER A 197 -7.81 -9.87 -16.35
CA SER A 197 -6.97 -10.83 -15.63
C SER A 197 -7.11 -10.58 -14.13
N TYR A 198 -7.13 -11.68 -13.36
CA TYR A 198 -7.42 -11.65 -11.94
C TYR A 198 -6.51 -12.56 -11.14
N ILE A 199 -6.39 -12.22 -9.87
CA ILE A 199 -5.89 -13.15 -8.88
C ILE A 199 -7.11 -13.66 -8.12
N TYR A 200 -7.18 -15.00 -7.99
CA TYR A 200 -8.17 -15.67 -7.14
C TYR A 200 -7.47 -16.13 -5.89
N GLU A 201 -8.09 -15.91 -4.73
CA GLU A 201 -7.47 -16.33 -3.50
C GLU A 201 -8.49 -16.80 -2.47
N GLU A 202 -8.03 -17.65 -1.57
CA GLU A 202 -8.86 -18.15 -0.47
CA GLU A 202 -8.84 -18.14 -0.46
C GLU A 202 -9.29 -16.98 0.41
N PHE A 203 -10.53 -17.05 0.87
CA PHE A 203 -11.05 -16.04 1.77
C PHE A 203 -10.59 -16.40 3.18
N MET A 204 -9.92 -15.44 3.82
CA MET A 204 -9.36 -15.67 5.14
C MET A 204 -10.36 -15.20 6.19
N PRO A 205 -10.81 -16.11 7.08
CA PRO A 205 -11.78 -15.69 8.11
C PRO A 205 -11.14 -14.82 9.21
N THR A 206 -11.68 -13.62 9.42
CA THR A 206 -11.14 -12.69 10.44
C THR A 206 -12.27 -12.32 11.36
N ASP A 207 -12.02 -11.45 12.33
CA ASP A 207 -13.10 -10.98 13.19
C ASP A 207 -13.96 -9.89 12.55
N GLY A 208 -13.80 -9.70 11.24
CA GLY A 208 -14.52 -8.68 10.50
C GLY A 208 -13.75 -7.37 10.38
N THR A 209 -12.48 -7.36 10.79
CA THR A 209 -11.62 -6.19 10.61
C THR A 209 -10.35 -6.52 9.82
N ASP A 210 -9.78 -5.47 9.21
CA ASP A 210 -8.47 -5.51 8.55
C ASP A 210 -7.46 -4.80 9.44
N VAL A 211 -6.22 -5.29 9.47
CA VAL A 211 -5.17 -4.56 10.17
C VAL A 211 -4.33 -3.81 9.14
N LYS A 212 -4.35 -2.48 9.23
CA LYS A 212 -3.55 -1.64 8.33
C LYS A 212 -2.25 -1.30 9.01
N VAL A 213 -1.14 -1.54 8.32
CA VAL A 213 0.18 -1.30 8.89
C VAL A 213 0.92 -0.23 8.08
N TYR A 214 1.67 0.62 8.77
CA TYR A 214 2.35 1.76 8.16
C TYR A 214 3.78 1.82 8.71
N THR A 215 4.76 1.53 7.86
CA THR A 215 6.15 1.49 8.29
C THR A 215 6.82 2.85 8.07
N VAL A 216 7.81 3.16 8.93
CA VAL A 216 8.73 4.27 8.66
C VAL A 216 10.10 3.67 8.89
N GLY A 217 10.67 3.10 7.84
CA GLY A 217 11.83 2.20 7.95
C GLY A 217 11.43 0.87 8.57
N PRO A 218 12.37 -0.10 8.60
CA PRO A 218 11.98 -1.48 8.94
C PRO A 218 11.72 -1.72 10.42
N ASP A 219 12.12 -0.78 11.26
CA ASP A 219 12.03 -0.94 12.71
C ASP A 219 10.97 -0.05 13.38
N TYR A 220 10.11 0.56 12.57
CA TYR A 220 8.96 1.31 13.12
C TYR A 220 7.73 0.98 12.28
N ALA A 221 6.64 0.60 12.93
CA ALA A 221 5.40 0.35 12.21
C ALA A 221 4.25 0.72 13.12
N HIS A 222 3.37 1.58 12.63
CA HIS A 222 2.11 1.83 13.30
C HIS A 222 1.04 0.95 12.66
N ALA A 223 0.22 0.33 13.50
CA ALA A 223 -0.90 -0.45 13.01
C ALA A 223 -2.21 0.07 13.60
N GLU A 224 -3.29 -0.08 12.85
CA GLU A 224 -4.65 0.23 13.35
C GLU A 224 -5.61 -0.67 12.61
N ALA A 225 -6.80 -0.91 13.16
CA ALA A 225 -7.77 -1.78 12.49
C ALA A 225 -8.98 -0.99 12.00
N ARG A 226 -9.60 -1.49 10.93
CA ARG A 226 -10.82 -0.89 10.36
CA ARG A 226 -10.83 -0.91 10.37
C ARG A 226 -11.78 -2.03 10.01
N LYS A 227 -13.07 -1.73 9.98
CA LYS A 227 -14.07 -2.68 9.57
C LYS A 227 -13.74 -3.09 8.14
N SER A 228 -13.79 -4.39 7.88
CA SER A 228 -13.55 -4.91 6.54
C SER A 228 -14.75 -4.53 5.66
N PRO A 229 -14.48 -4.06 4.43
CA PRO A 229 -15.59 -3.89 3.46
C PRO A 229 -16.10 -5.20 2.83
N ALA A 230 -15.59 -6.34 3.29
CA ALA A 230 -15.90 -7.65 2.68
C ALA A 230 -17.34 -8.15 2.77
N LEU A 231 -18.00 -7.93 3.92
CA LEU A 231 -19.36 -8.47 4.09
C LEU A 231 -20.45 -7.41 4.17
N ASP A 232 -20.10 -6.25 4.71
CA ASP A 232 -21.01 -5.12 4.84
C ASP A 232 -20.22 -3.91 4.35
N GLY A 233 -20.84 -3.13 3.46
CA GLY A 233 -20.12 -2.05 2.82
C GLY A 233 -20.36 -0.70 3.44
N LYS A 234 -21.10 -0.65 4.53
CA LYS A 234 -21.33 0.64 5.20
C LYS A 234 -20.10 1.08 6.02
N VAL A 235 -19.57 2.25 5.67
CA VAL A 235 -18.41 2.83 6.37
C VAL A 235 -18.83 3.30 7.77
N GLU A 236 -18.05 2.92 8.79
CA GLU A 236 -18.30 3.37 10.18
C GLU A 236 -17.63 4.73 10.36
N ARG A 237 -18.40 5.71 10.82
CA ARG A 237 -17.85 7.04 11.10
C ARG A 237 -18.10 7.49 12.54
N ASP A 238 -17.14 8.24 13.10
CA ASP A 238 -17.33 8.83 14.43
C ASP A 238 -18.11 10.15 14.31
N SER A 239 -18.40 10.75 15.47
CA SER A 239 -19.13 12.03 15.55
C SER A 239 -18.50 13.17 14.74
N GLU A 240 -17.22 13.01 14.38
CA GLU A 240 -16.51 14.00 13.56
C GLU A 240 -16.47 13.62 12.07
N GLY A 241 -17.03 12.46 11.73
CA GLY A 241 -17.12 11.99 10.34
C GLY A 241 -15.87 11.36 9.75
N LYS A 242 -14.86 11.11 10.58
CA LYS A 242 -13.69 10.34 10.13
C LYS A 242 -13.94 8.86 10.37
N GLU A 243 -13.40 8.01 9.49
CA GLU A 243 -13.65 6.57 9.60
C GLU A 243 -13.17 6.07 10.96
N VAL A 244 -13.98 5.23 11.59
CA VAL A 244 -13.62 4.61 12.85
C VAL A 244 -12.38 3.69 12.68
N ARG A 245 -11.41 3.87 13.57
CA ARG A 245 -10.19 3.06 13.65
CA ARG A 245 -10.25 3.00 13.62
C ARG A 245 -10.15 2.38 15.02
N TYR A 246 -9.60 1.18 15.09
CA TYR A 246 -9.50 0.43 16.34
C TYR A 246 -8.02 0.22 16.64
N PRO A 247 -7.63 0.27 17.93
CA PRO A 247 -6.22 0.16 18.31
C PRO A 247 -5.68 -1.22 18.00
N VAL A 248 -4.43 -1.26 17.53
CA VAL A 248 -3.70 -2.51 17.29
C VAL A 248 -2.25 -2.35 17.80
N ILE A 249 -1.74 -3.41 18.43
CA ILE A 249 -0.32 -3.55 18.72
C ILE A 249 0.13 -4.82 18.00
N LEU A 250 1.14 -4.67 17.16
CA LEU A 250 1.63 -5.81 16.39
C LEU A 250 2.39 -6.77 17.31
N ASN A 251 2.15 -8.08 17.15
CA ASN A 251 2.91 -9.09 17.87
C ASN A 251 4.29 -9.27 17.24
N ALA A 252 5.14 -10.11 17.84
CA ALA A 252 6.50 -10.27 17.33
C ALA A 252 6.55 -10.74 15.87
N ARG A 253 5.65 -11.66 15.51
CA ARG A 253 5.63 -12.17 14.15
C ARG A 253 5.32 -11.04 13.19
N GLU A 254 4.35 -10.21 13.56
CA GLU A 254 3.89 -9.13 12.68
C GLU A 254 4.92 -8.01 12.53
N LYS A 255 5.66 -7.74 13.60
CA LYS A 255 6.72 -6.74 13.55
C LYS A 255 7.81 -7.22 12.56
N LEU A 256 8.07 -8.54 12.56
CA LEU A 256 9.00 -9.14 11.58
C LEU A 256 8.43 -9.02 10.16
N ILE A 257 7.14 -9.29 10.00
CA ILE A 257 6.49 -9.06 8.70
C ILE A 257 6.72 -7.64 8.20
N ALA A 258 6.50 -6.64 9.07
CA ALA A 258 6.71 -5.23 8.68
C ALA A 258 8.13 -4.96 8.22
N TRP A 259 9.08 -5.53 8.97
CA TRP A 259 10.52 -5.39 8.68
C TRP A 259 10.81 -5.96 7.30
N LYS A 260 10.28 -7.16 7.01
CA LYS A 260 10.48 -7.83 5.73
C LYS A 260 9.85 -7.06 4.56
N VAL A 261 8.61 -6.61 4.74
CA VAL A 261 7.91 -5.89 3.68
C VAL A 261 8.64 -4.62 3.32
N CYS A 262 9.00 -3.84 4.33
CA CYS A 262 9.70 -2.57 4.13
C CYS A 262 10.97 -2.79 3.30
N LEU A 263 11.76 -3.79 3.69
CA LEU A 263 13.04 -4.02 3.03
C LEU A 263 12.88 -4.67 1.67
N ALA A 264 11.99 -5.64 1.56
CA ALA A 264 11.81 -6.40 0.30
C ALA A 264 11.33 -5.50 -0.84
N PHE A 265 10.44 -4.56 -0.51
CA PHE A 265 9.95 -3.62 -1.51
C PHE A 265 10.78 -2.34 -1.58
N LYS A 266 11.74 -2.21 -0.68
CA LYS A 266 12.66 -1.04 -0.66
C LYS A 266 11.89 0.26 -0.50
N GLN A 267 10.79 0.21 0.25
CA GLN A 267 9.94 1.36 0.51
C GLN A 267 10.05 1.73 2.00
N THR A 268 10.88 2.72 2.32
CA THR A 268 11.00 3.18 3.71
C THR A 268 9.64 3.47 4.35
N VAL A 269 8.84 4.28 3.66
CA VAL A 269 7.46 4.57 4.08
C VAL A 269 6.54 3.60 3.30
N CYS A 270 5.89 2.66 4.00
CA CYS A 270 5.16 1.60 3.29
C CYS A 270 3.90 1.18 4.02
N GLY A 271 2.78 1.23 3.32
CA GLY A 271 1.53 0.74 3.87
C GLY A 271 1.28 -0.68 3.36
N PHE A 272 0.87 -1.57 4.27
CA PHE A 272 0.41 -2.90 3.85
C PHE A 272 -0.69 -3.38 4.78
N ASP A 273 -1.44 -4.41 4.37
CA ASP A 273 -2.62 -4.86 5.08
C ASP A 273 -2.43 -6.30 5.56
N LEU A 274 -2.85 -6.56 6.80
CA LEU A 274 -2.80 -7.90 7.39
C LEU A 274 -4.21 -8.41 7.70
N LEU A 275 -4.40 -9.70 7.48
CA LEU A 275 -5.60 -10.40 7.90
C LEU A 275 -5.21 -11.31 9.04
N ARG A 276 -5.77 -11.07 10.21
CA ARG A 276 -5.52 -11.93 11.36
C ARG A 276 -6.55 -13.06 11.34
N ALA A 277 -6.08 -14.24 10.96
CA ALA A 277 -6.97 -15.37 10.67
C ALA A 277 -6.28 -16.64 11.10
N ASN A 278 -7.02 -17.55 11.71
CA ASN A 278 -6.50 -18.88 12.05
C ASN A 278 -5.21 -18.82 12.87
N GLY A 279 -5.14 -17.85 13.77
CA GLY A 279 -4.00 -17.66 14.67
C GLY A 279 -2.69 -17.26 14.02
N GLN A 280 -2.77 -16.79 12.78
CA GLN A 280 -1.62 -16.26 12.06
C GLN A 280 -2.01 -14.92 11.43
N SER A 281 -1.07 -14.27 10.75
CA SER A 281 -1.34 -12.99 10.12
C SER A 281 -0.88 -13.07 8.67
N TYR A 282 -1.79 -12.79 7.75
CA TYR A 282 -1.54 -12.94 6.31
C TYR A 282 -1.52 -11.58 5.63
N VAL A 283 -0.51 -11.31 4.82
CA VAL A 283 -0.48 -10.04 4.07
C VAL A 283 -1.39 -10.19 2.85
N CYS A 284 -2.35 -9.27 2.64
CA CYS A 284 -3.19 -9.39 1.43
C CYS A 284 -3.03 -8.25 0.44
N ASP A 285 -2.16 -7.29 0.79
CA ASP A 285 -2.02 -6.09 -0.03
C ASP A 285 -0.79 -5.35 0.43
N VAL A 286 0.01 -4.86 -0.52
CA VAL A 286 1.13 -3.97 -0.21
C VAL A 286 0.98 -2.71 -1.08
N ASN A 287 0.72 -1.56 -0.45
CA ASN A 287 0.43 -0.34 -1.20
C ASN A 287 1.63 0.60 -1.48
N GLY A 288 2.73 0.43 -0.75
CA GLY A 288 3.85 1.39 -0.88
C GLY A 288 3.53 2.64 -0.07
N PHE A 289 4.04 3.79 -0.54
CA PHE A 289 4.01 5.03 0.24
C PHE A 289 2.63 5.40 0.77
N SER A 290 2.53 5.52 2.08
CA SER A 290 1.27 5.82 2.74
C SER A 290 1.56 6.30 4.14
N PHE A 291 0.93 7.42 4.51
CA PHE A 291 1.03 7.97 5.85
C PHE A 291 -0.19 7.61 6.66
N VAL A 292 0.00 7.45 7.97
CA VAL A 292 -1.13 7.41 8.90
C VAL A 292 -1.82 8.77 8.90
N LYS A 293 -3.15 8.75 8.99
CA LYS A 293 -3.95 9.97 9.01
C LYS A 293 -4.46 10.21 10.44
N ASN A 294 -4.54 11.48 10.86
CA ASN A 294 -5.10 11.83 12.19
C ASN A 294 -4.47 11.12 13.43
N SER A 295 -3.15 10.95 13.41
CA SER A 295 -2.41 10.65 14.62
C SER A 295 -1.27 11.65 14.72
N MET A 296 -1.37 12.53 15.72
CA MET A 296 -0.31 13.51 15.97
CA MET A 296 -0.31 13.50 15.93
C MET A 296 1.00 12.82 16.33
N LYS A 297 0.92 11.73 17.10
CA LYS A 297 2.14 11.03 17.48
C LYS A 297 2.85 10.44 16.27
N TYR A 298 2.08 9.89 15.34
CA TYR A 298 2.68 9.37 14.10
C TYR A 298 3.39 10.49 13.34
N TYR A 299 2.74 11.64 13.20
CA TYR A 299 3.38 12.80 12.53
C TYR A 299 4.75 13.10 13.17
N ASP A 300 4.78 13.18 14.50
CA ASP A 300 6.03 13.40 15.24
C ASP A 300 7.05 12.32 14.96
N ASP A 301 6.64 11.06 15.13
CA ASP A 301 7.54 9.92 15.02
C ASP A 301 8.07 9.79 13.58
N CYS A 302 7.17 9.89 12.62
CA CYS A 302 7.53 9.72 11.21
C CYS A 302 8.53 10.78 10.78
N ALA A 303 8.27 12.05 11.13
CA ALA A 303 9.17 13.11 10.72
C ALA A 303 10.56 12.95 11.38
N LYS A 304 10.57 12.57 12.66
CA LYS A 304 11.81 12.37 13.40
C LYS A 304 12.63 11.25 12.77
N ILE A 305 11.98 10.13 12.47
CA ILE A 305 12.67 8.99 11.84
C ILE A 305 13.23 9.34 10.45
N LEU A 306 12.39 9.98 9.62
CA LEU A 306 12.82 10.35 8.28
C LEU A 306 13.99 11.33 8.34
N GLY A 307 13.86 12.35 9.17
CA GLY A 307 14.96 13.31 9.40
C GLY A 307 16.23 12.62 9.86
N ASN A 308 16.08 11.68 10.79
CA ASN A 308 17.25 10.92 11.28
C ASN A 308 17.91 10.04 10.23
N ILE A 309 17.09 9.46 9.34
CA ILE A 309 17.61 8.65 8.24
C ILE A 309 18.45 9.51 7.30
N VAL A 310 17.90 10.69 6.96
CA VAL A 310 18.58 11.68 6.13
C VAL A 310 19.92 12.09 6.78
N MET A 311 19.86 12.48 8.05
CA MET A 311 21.08 12.88 8.77
C MET A 311 22.08 11.74 8.84
N ARG A 312 21.63 10.54 9.23
CA ARG A 312 22.53 9.38 9.25
C ARG A 312 23.26 9.19 7.90
N GLU A 313 22.51 9.17 6.81
CA GLU A 313 23.09 8.90 5.50
C GLU A 313 24.02 10.00 4.98
N LEU A 314 23.64 11.26 5.20
CA LEU A 314 24.24 12.40 4.48
C LEU A 314 25.07 13.38 5.31
N ALA A 315 24.94 13.35 6.63
CA ALA A 315 25.73 14.26 7.47
C ALA A 315 27.26 14.12 7.26
N PRO A 316 27.77 12.87 7.11
CA PRO A 316 29.22 12.77 6.96
C PRO A 316 29.75 13.50 5.74
N GLN A 317 29.09 13.34 4.58
CA GLN A 317 29.55 14.04 3.38
C GLN A 317 29.32 15.54 3.43
N PHE A 318 28.37 15.98 4.25
CA PHE A 318 28.15 17.41 4.46
C PHE A 318 29.02 17.97 5.58
N HIS A 319 29.82 17.10 6.19
CA HIS A 319 30.71 17.46 7.30
C HIS A 319 29.91 18.00 8.46
N ILE A 320 28.75 17.40 8.71
CA ILE A 320 27.88 17.78 9.83
C ILE A 320 28.00 16.71 10.92
N PRO A 321 28.30 17.12 12.17
CA PRO A 321 28.41 16.11 13.23
C PRO A 321 27.05 15.49 13.49
N TRP A 322 27.01 14.16 13.59
CA TRP A 322 25.76 13.47 13.90
C TRP A 322 25.97 12.23 14.76
N SER A 323 25.27 12.19 15.89
CA SER A 323 25.22 11.01 16.75
C SER A 323 23.85 10.36 16.60
N ILE A 324 23.85 9.09 16.20
CA ILE A 324 22.61 8.37 15.87
C ILE A 324 21.75 8.09 17.12
N PRO A 325 20.54 8.69 17.17
CA PRO A 325 19.67 8.63 18.34
C PRO A 325 18.83 7.33 18.42
N LEU A 326 18.13 7.15 19.55
CA LEU A 326 17.32 5.94 19.76
C LEU A 326 15.89 6.17 19.31
N GLU A 327 15.33 5.17 18.62
CA GLU A 327 14.00 5.31 18.04
C GLU A 327 13.04 4.24 18.52
N ALA A 328 11.80 4.64 18.77
CA ALA A 328 10.70 3.72 19.10
C ALA A 328 10.40 2.78 17.93
N GLU A 329 9.76 1.66 18.24
CA GLU A 329 9.34 0.69 17.23
C GLU A 329 7.84 0.81 16.96
N ASP A 330 7.20 1.59 17.83
CA ASP A 330 5.74 1.77 17.93
C ASP A 330 4.91 1.18 16.80
#